data_8YSV
#
_entry.id   8YSV
#
_cell.length_a   98.110
_cell.length_b   79.000
_cell.length_c   58.080
_cell.angle_alpha   90.00
_cell.angle_beta   106.03
_cell.angle_gamma   90.00
#
_symmetry.space_group_name_H-M   'C 1 2 1'
#
loop_
_entity.id
_entity.type
_entity.pdbx_description
1 polymer 6-phospho-beta-glucosidase
2 non-polymer 1,2-ETHANEDIOL
3 non-polymer ETHANOL
4 non-polymer 'SULFATE ION'
5 non-polymer 'NICKEL (II) ION'
6 non-polymer 'SODIUM ION'
7 water water
#
_entity_poly.entity_id   1
_entity_poly.type   'polypeptide(L)'
_entity_poly.pdbx_seq_one_letter_code
;MSILKNDFLWGGAVAAHQLEGGWDQGGKGVSVADVMTAGAHGVPRKITAGVLPDEHYPNHEAIDFYHRYQEDIQLFKELG
LNCFRTSIAWTRIFPNGDEETPNEEGLRFYDALFDECLKNGIEPVVTLSHFEMPYHLVTKYGGFRNRQVIDFFVKFAEVC
FTRYQKKVKYWMTFNEINNQANYEEDFAPFTNSGIAYQEGEDREAIMYQAAHYELVASARAVKIGHAINPDFQIGCMIAM
VPIYPYSCNPEDMMMSVSAMQKRYWFTDVHVRGHYPSAIQCYLKRKNISLDVTEEDLTDLANGCVDYIGFSYCMSFAVKG
AEKGPTFDYNEAKDLVRNPYVATSDWGWQIDPMGLRYAMNWFNDRYELPLFIVENGFGAIDELEPDGTINDTYRIAYLRE
HIEMMKEAVAYDGIDLMGYTPWGFIDLVSASTGEMKKRYGFIYVDKDNDGHGTLERRKKKSFAWYQQVIATNGEEL
;
_entity_poly.pdbx_strand_id   A
#
loop_
_chem_comp.id
_chem_comp.type
_chem_comp.name
_chem_comp.formula
EDO non-polymer 1,2-ETHANEDIOL 'C2 H6 O2'
EOH non-polymer ETHANOL 'C2 H6 O'
NA non-polymer 'SODIUM ION' 'Na 1'
NI non-polymer 'NICKEL (II) ION' 'Ni 2'
SO4 non-polymer 'SULFATE ION' 'O4 S -2'
#
# COMPACT_ATOMS: atom_id res chain seq x y z
N MET A 1 -21.94 -21.26 -9.52
CA MET A 1 -22.30 -20.21 -10.45
C MET A 1 -21.92 -18.84 -9.92
N SER A 2 -20.64 -18.66 -9.55
CA SER A 2 -20.25 -17.38 -8.96
C SER A 2 -19.82 -16.40 -10.06
N ILE A 3 -20.09 -15.12 -9.80
CA ILE A 3 -19.63 -14.06 -10.69
C ILE A 3 -18.11 -14.05 -10.76
N LEU A 4 -17.46 -14.17 -9.60
CA LEU A 4 -16.01 -14.12 -9.54
C LEU A 4 -15.39 -15.42 -10.03
N LYS A 5 -14.16 -15.32 -10.56
CA LYS A 5 -13.51 -16.48 -11.14
C LYS A 5 -13.31 -17.57 -10.10
N ASN A 6 -13.19 -18.81 -10.59
CA ASN A 6 -13.15 -19.95 -9.67
C ASN A 6 -11.91 -19.94 -8.79
N ASP A 7 -10.74 -19.63 -9.35
CA ASP A 7 -9.48 -19.57 -8.59
C ASP A 7 -9.23 -18.21 -7.96
N PHE A 8 -10.27 -17.53 -7.50
CA PHE A 8 -10.17 -16.16 -7.03
C PHE A 8 -9.38 -16.12 -5.73
N LEU A 9 -8.42 -15.19 -5.63
CA LEU A 9 -7.58 -15.07 -4.43
C LEU A 9 -8.33 -14.26 -3.37
N TRP A 10 -8.75 -14.94 -2.31
CA TRP A 10 -9.38 -14.31 -1.15
C TRP A 10 -8.35 -14.28 -0.04
N GLY A 11 -8.03 -13.12 0.47
CA GLY A 11 -7.00 -13.01 1.48
C GLY A 11 -7.21 -11.92 2.48
N GLY A 12 -6.10 -11.46 3.02
CA GLY A 12 -6.07 -10.29 3.88
C GLY A 12 -4.71 -9.66 3.71
N ALA A 13 -4.63 -8.36 3.94
CA ALA A 13 -3.40 -7.62 3.69
C ALA A 13 -2.90 -6.90 4.94
N VAL A 14 -1.59 -6.93 5.14
CA VAL A 14 -0.88 -6.22 6.20
C VAL A 14 0.43 -5.70 5.64
N ALA A 15 1.20 -5.03 6.48
CA ALA A 15 2.58 -4.64 6.19
C ALA A 15 3.43 -4.98 7.41
N ALA A 16 4.69 -5.38 7.15
CA ALA A 16 5.57 -5.87 8.22
C ALA A 16 5.66 -4.89 9.38
N HIS A 17 5.99 -3.62 9.08
CA HIS A 17 6.17 -2.62 10.13
C HIS A 17 4.88 -2.35 10.89
N GLN A 18 3.73 -2.66 10.32
CA GLN A 18 2.49 -2.33 10.98
C GLN A 18 2.04 -3.43 11.95
N LEU A 19 2.56 -4.64 11.84
CA LEU A 19 2.12 -5.69 12.75
C LEU A 19 3.24 -6.52 13.40
N GLU A 20 4.46 -6.55 12.84
CA GLU A 20 5.45 -7.52 13.30
C GLU A 20 5.96 -7.21 14.71
N GLY A 21 6.22 -5.95 15.01
CA GLY A 21 7.03 -5.70 16.19
C GLY A 21 8.41 -6.33 16.02
N GLY A 22 9.05 -6.65 17.14
CA GLY A 22 10.42 -7.17 17.05
C GLY A 22 11.34 -6.24 16.31
N TRP A 23 11.17 -4.94 16.50
CA TRP A 23 11.76 -3.95 15.60
C TRP A 23 13.29 -3.94 15.65
N ASP A 24 13.89 -4.51 16.70
CA ASP A 24 15.33 -4.59 16.83
C ASP A 24 15.77 -6.02 17.15
N GLN A 25 14.94 -6.99 16.80
CA GLN A 25 15.20 -8.39 17.06
C GLN A 25 15.74 -9.04 15.81
N GLY A 26 16.53 -10.09 16.01
CA GLY A 26 16.99 -10.88 14.87
C GLY A 26 17.87 -10.11 13.90
N GLY A 27 18.54 -9.06 14.37
CA GLY A 27 19.46 -8.31 13.55
C GLY A 27 18.84 -7.19 12.75
N LYS A 28 17.53 -6.97 12.89
CA LYS A 28 16.85 -5.95 12.10
C LYS A 28 17.39 -4.55 12.38
N GLY A 29 17.53 -3.76 11.30
CA GLY A 29 17.93 -2.37 11.43
C GLY A 29 16.76 -1.44 11.67
N VAL A 30 17.10 -0.19 12.00
CA VAL A 30 16.10 0.85 12.18
C VAL A 30 15.53 1.23 10.81
N SER A 31 14.22 1.20 10.68
CA SER A 31 13.54 1.59 9.46
C SER A 31 12.95 2.99 9.62
N VAL A 32 12.45 3.56 8.50
CA VAL A 32 11.79 4.85 8.58
C VAL A 32 10.54 4.78 9.45
N ALA A 33 9.87 3.62 9.48
CA ALA A 33 8.70 3.49 10.35
C ALA A 33 9.11 3.57 11.83
N ASP A 34 10.33 3.20 12.15
CA ASP A 34 10.75 3.14 13.55
C ASP A 34 11.10 4.50 14.12
N VAL A 35 11.09 5.57 13.32
CA VAL A 35 11.31 6.92 13.85
C VAL A 35 10.06 7.78 13.69
N MET A 36 8.89 7.18 13.53
CA MET A 36 7.63 7.90 13.40
C MET A 36 6.79 7.68 14.65
N THR A 37 6.38 8.78 15.29
CA THR A 37 5.65 8.69 16.54
C THR A 37 4.15 8.47 16.28
N ALA A 38 3.43 8.17 17.35
CA ALA A 38 1.99 8.01 17.22
C ALA A 38 1.33 9.36 16.97
N GLY A 39 0.24 9.32 16.21
CA GLY A 39 -0.57 10.52 16.02
C GLY A 39 -2.03 10.17 16.18
N ALA A 40 -2.92 10.96 15.57
CA ALA A 40 -4.35 10.72 15.68
C ALA A 40 -5.05 11.50 14.56
N HIS A 41 -6.36 11.30 14.44
CA HIS A 41 -7.14 12.11 13.53
C HIS A 41 -6.93 13.58 13.86
N GLY A 42 -6.43 14.34 12.90
CA GLY A 42 -6.15 15.76 13.10
C GLY A 42 -4.87 16.05 13.86
N VAL A 43 -4.02 15.04 14.06
CA VAL A 43 -2.76 15.21 14.79
C VAL A 43 -1.71 14.45 14.01
N PRO A 44 -0.92 15.10 13.16
CA PRO A 44 0.06 14.35 12.36
C PRO A 44 1.09 13.64 13.21
N ARG A 45 1.52 12.47 12.72
CA ARG A 45 2.67 11.81 13.32
C ARG A 45 3.88 12.71 13.19
N LYS A 46 4.81 12.56 14.13
CA LYS A 46 6.07 13.29 14.03
C LYS A 46 7.19 12.37 13.57
N ILE A 47 8.04 12.90 12.70
CA ILE A 47 9.21 12.19 12.21
C ILE A 47 10.40 12.69 13.01
N THR A 48 11.03 11.80 13.76
CA THR A 48 12.12 12.22 14.64
C THR A 48 13.48 11.84 14.06
N ALA A 49 14.51 12.54 14.54
CA ALA A 49 15.88 12.31 14.05
C ALA A 49 16.46 11.14 14.83
N GLY A 50 16.25 9.94 14.31
CA GLY A 50 16.60 8.74 15.04
C GLY A 50 15.59 8.47 16.14
N VAL A 51 15.81 7.37 16.85
CA VAL A 51 14.89 6.95 17.91
C VAL A 51 15.27 7.70 19.19
N LEU A 52 14.36 8.53 19.70
CA LEU A 52 14.57 9.42 20.83
C LEU A 52 14.01 8.82 22.12
N PRO A 53 14.66 9.05 23.26
CA PRO A 53 14.32 8.26 24.46
C PRO A 53 12.91 8.51 25.00
N ASP A 54 12.34 9.71 24.81
CA ASP A 54 11.08 10.07 25.47
C ASP A 54 9.91 10.17 24.49
N GLU A 55 9.87 9.30 23.48
CA GLU A 55 8.78 9.29 22.51
C GLU A 55 8.17 7.89 22.43
N HIS A 56 6.89 7.85 22.07
CA HIS A 56 6.21 6.60 21.80
C HIS A 56 6.27 6.32 20.29
N TYR A 57 6.91 5.19 19.94
CA TYR A 57 6.96 4.72 18.56
C TYR A 57 6.11 3.45 18.45
N PRO A 58 4.86 3.54 17.97
CA PRO A 58 3.98 2.37 18.04
C PRO A 58 4.41 1.20 17.17
N ASN A 59 5.26 1.41 16.17
CA ASN A 59 5.70 0.31 15.32
C ASN A 59 6.77 -0.55 15.97
N HIS A 60 7.35 -0.10 17.07
CA HIS A 60 8.40 -0.89 17.72
C HIS A 60 7.87 -2.24 18.18
N GLU A 61 6.72 -2.24 18.86
CA GLU A 61 6.12 -3.51 19.28
C GLU A 61 4.94 -3.94 18.42
N ALA A 62 4.17 -2.98 17.87
CA ALA A 62 2.99 -3.25 17.03
C ALA A 62 2.11 -4.27 17.76
N ILE A 63 1.71 -5.37 17.12
CA ILE A 63 0.95 -6.43 17.78
C ILE A 63 1.79 -7.70 17.98
N ASP A 64 3.10 -7.62 17.79
CA ASP A 64 4.04 -8.70 18.10
C ASP A 64 3.80 -9.96 17.26
N PHE A 65 3.37 -9.77 16.01
CA PHE A 65 3.21 -10.88 15.08
C PHE A 65 4.52 -11.62 14.88
N TYR A 66 5.65 -10.93 15.07
CA TYR A 66 6.96 -11.57 14.97
C TYR A 66 7.06 -12.79 15.89
N HIS A 67 6.46 -12.72 17.08
CA HIS A 67 6.43 -13.88 17.98
C HIS A 67 5.18 -14.73 17.85
N ARG A 68 4.06 -14.14 17.45
CA ARG A 68 2.78 -14.84 17.54
C ARG A 68 2.25 -15.31 16.19
N TYR A 69 3.08 -15.32 15.14
CA TYR A 69 2.55 -15.58 13.80
C TYR A 69 1.95 -16.98 13.69
N GLN A 70 2.46 -17.96 14.44
CA GLN A 70 1.93 -19.31 14.29
C GLN A 70 0.49 -19.39 14.76
N GLU A 71 0.19 -18.76 15.90
CA GLU A 71 -1.18 -18.69 16.40
C GLU A 71 -2.06 -17.84 15.50
N ASP A 72 -1.54 -16.72 15.00
CA ASP A 72 -2.34 -15.88 14.12
C ASP A 72 -2.69 -16.62 12.83
N ILE A 73 -1.74 -17.38 12.28
CA ILE A 73 -2.02 -18.10 11.03
C ILE A 73 -3.08 -19.16 11.23
N GLN A 74 -3.18 -19.74 12.43
CA GLN A 74 -4.31 -20.62 12.68
C GLN A 74 -5.63 -19.86 12.63
N LEU A 75 -5.65 -18.61 13.08
CA LEU A 75 -6.85 -17.79 12.88
C LEU A 75 -7.08 -17.51 11.40
N PHE A 76 -6.00 -17.25 10.63
CA PHE A 76 -6.15 -17.01 9.20
C PHE A 76 -6.74 -18.23 8.51
N LYS A 77 -6.31 -19.43 8.94
CA LYS A 77 -6.80 -20.66 8.34
C LYS A 77 -8.27 -20.87 8.65
N GLU A 78 -8.67 -20.64 9.91
CA GLU A 78 -10.09 -20.72 10.27
C GLU A 78 -10.92 -19.74 9.47
N LEU A 79 -10.39 -18.53 9.25
CA LEU A 79 -11.08 -17.55 8.41
C LEU A 79 -11.28 -18.06 6.99
N GLY A 80 -10.38 -18.92 6.53
CA GLY A 80 -10.49 -19.47 5.19
C GLY A 80 -9.70 -18.75 4.11
N LEU A 81 -8.76 -17.88 4.48
CA LEU A 81 -7.93 -17.22 3.48
C LEU A 81 -7.20 -18.25 2.63
N ASN A 82 -7.11 -17.97 1.33
CA ASN A 82 -6.19 -18.71 0.48
C ASN A 82 -4.99 -17.87 0.09
N CYS A 83 -4.86 -16.65 0.61
CA CYS A 83 -3.63 -15.91 0.38
C CYS A 83 -3.47 -14.86 1.49
N PHE A 84 -2.24 -14.38 1.62
CA PHE A 84 -1.88 -13.49 2.71
C PHE A 84 -0.91 -12.47 2.14
N ARG A 85 -1.31 -11.20 2.12
CA ARG A 85 -0.46 -10.17 1.56
C ARG A 85 0.30 -9.49 2.69
N THR A 86 1.62 -9.50 2.62
CA THR A 86 2.44 -8.79 3.60
C THR A 86 3.67 -8.26 2.89
N SER A 87 4.51 -7.57 3.64
CA SER A 87 5.76 -7.08 3.10
C SER A 87 6.92 -7.84 3.71
N ILE A 88 8.01 -7.93 2.96
CA ILE A 88 9.27 -8.37 3.52
C ILE A 88 9.95 -7.11 4.05
N ALA A 89 10.20 -7.07 5.36
CA ALA A 89 10.87 -5.91 5.95
C ALA A 89 12.26 -5.72 5.35
N TRP A 90 12.45 -4.64 4.59
CA TRP A 90 13.77 -4.34 4.02
C TRP A 90 14.86 -4.38 5.10
N THR A 91 14.59 -3.83 6.28
CA THR A 91 15.61 -3.77 7.32
C THR A 91 15.86 -5.12 8.00
N ARG A 92 15.01 -6.11 7.78
CA ARG A 92 15.35 -7.46 8.26
C ARG A 92 16.34 -8.15 7.34
N ILE A 93 16.40 -7.76 6.07
CA ILE A 93 17.24 -8.43 5.08
C ILE A 93 18.54 -7.67 4.87
N PHE A 94 18.45 -6.34 4.77
CA PHE A 94 19.61 -5.46 4.71
C PHE A 94 19.40 -4.37 5.75
N PRO A 95 19.85 -4.62 6.99
CA PRO A 95 19.52 -3.72 8.12
C PRO A 95 19.81 -2.25 7.88
N ASN A 96 20.98 -1.93 7.33
CA ASN A 96 21.28 -0.54 6.98
C ASN A 96 21.15 -0.27 5.49
N GLY A 97 21.08 -1.32 4.67
CA GLY A 97 20.74 -1.21 3.27
C GLY A 97 21.93 -1.40 2.34
N ASP A 98 23.12 -1.09 2.81
CA ASP A 98 24.30 -1.08 1.94
C ASP A 98 25.30 -2.16 2.29
N GLU A 99 24.87 -3.22 2.97
CA GLU A 99 25.77 -4.33 3.27
C GLU A 99 26.00 -5.19 2.03
N GLU A 100 27.16 -5.84 1.97
CA GLU A 100 27.47 -6.67 0.82
C GLU A 100 26.66 -7.96 0.83
N THR A 101 26.38 -8.51 2.00
CA THR A 101 25.68 -9.77 2.18
C THR A 101 24.39 -9.55 2.97
N PRO A 102 23.33 -10.30 2.69
CA PRO A 102 22.09 -10.11 3.44
C PRO A 102 22.20 -10.71 4.84
N ASN A 103 21.22 -10.35 5.68
CA ASN A 103 21.11 -10.88 7.03
C ASN A 103 20.44 -12.24 6.98
N GLU A 104 21.17 -13.30 7.32
CA GLU A 104 20.59 -14.64 7.21
C GLU A 104 19.47 -14.87 8.22
N GLU A 105 19.56 -14.29 9.42
CA GLU A 105 18.48 -14.46 10.40
C GLU A 105 17.16 -13.89 9.88
N GLY A 106 17.21 -12.76 9.17
CA GLY A 106 15.99 -12.22 8.60
C GLY A 106 15.45 -13.07 7.47
N LEU A 107 16.34 -13.61 6.64
CA LEU A 107 15.90 -14.51 5.58
C LEU A 107 15.27 -15.76 6.15
N ARG A 108 15.78 -16.25 7.29
CA ARG A 108 15.15 -17.40 7.94
C ARG A 108 13.79 -17.07 8.49
N PHE A 109 13.59 -15.85 9.00
CA PHE A 109 12.26 -15.53 9.54
C PHE A 109 11.20 -15.63 8.46
N TYR A 110 11.48 -15.09 7.26
CA TYR A 110 10.45 -15.15 6.23
C TYR A 110 10.35 -16.55 5.63
N ASP A 111 11.44 -17.32 5.62
CA ASP A 111 11.32 -18.73 5.29
C ASP A 111 10.28 -19.40 6.19
N ALA A 112 10.36 -19.15 7.49
CA ALA A 112 9.47 -19.78 8.46
C ALA A 112 8.05 -19.24 8.35
N LEU A 113 7.91 -17.93 8.14
CA LEU A 113 6.58 -17.34 7.98
C LEU A 113 5.89 -17.86 6.73
N PHE A 114 6.59 -17.83 5.59
CA PHE A 114 6.02 -18.31 4.33
C PHE A 114 5.73 -19.80 4.38
N ASP A 115 6.62 -20.59 4.98
CA ASP A 115 6.35 -22.03 5.13
C ASP A 115 5.11 -22.27 5.99
N GLU A 116 4.95 -21.47 7.06
CA GLU A 116 3.80 -21.63 7.93
C GLU A 116 2.50 -21.29 7.21
N CYS A 117 2.52 -20.24 6.38
CA CYS A 117 1.39 -19.98 5.51
C CYS A 117 1.07 -21.18 4.63
N LEU A 118 2.06 -21.67 3.88
CA LEU A 118 1.76 -22.60 2.81
C LEU A 118 1.32 -23.96 3.33
N LYS A 119 1.78 -24.34 4.53
CA LYS A 119 1.32 -25.61 5.11
C LYS A 119 -0.10 -25.50 5.62
N ASN A 120 -0.66 -24.29 5.68
CA ASN A 120 -2.05 -24.10 6.08
C ASN A 120 -2.92 -23.59 4.93
N GLY A 121 -2.52 -23.83 3.69
CA GLY A 121 -3.35 -23.51 2.53
C GLY A 121 -3.33 -22.06 2.08
N ILE A 122 -2.33 -21.29 2.50
CA ILE A 122 -2.32 -19.85 2.32
C ILE A 122 -1.10 -19.47 1.52
N GLU A 123 -1.32 -18.82 0.39
CA GLU A 123 -0.27 -18.37 -0.52
C GLU A 123 0.19 -16.97 -0.13
N PRO A 124 1.48 -16.75 0.11
CA PRO A 124 1.94 -15.39 0.39
C PRO A 124 1.94 -14.55 -0.87
N VAL A 125 1.50 -13.29 -0.72
CA VAL A 125 1.64 -12.26 -1.74
C VAL A 125 2.55 -11.18 -1.12
N VAL A 126 3.65 -10.83 -1.77
CA VAL A 126 4.71 -10.05 -1.13
C VAL A 126 4.87 -8.68 -1.78
N THR A 127 4.85 -7.63 -0.95
CA THR A 127 5.25 -6.29 -1.36
C THR A 127 6.69 -6.02 -0.90
N LEU A 128 7.54 -5.58 -1.83
CA LEU A 128 8.95 -5.46 -1.53
C LEU A 128 9.26 -4.20 -0.72
N SER A 129 8.70 -3.05 -1.10
CA SER A 129 8.87 -1.83 -0.33
C SER A 129 7.53 -1.34 0.19
N HIS A 130 7.36 -1.33 1.52
CA HIS A 130 6.09 -0.90 2.12
C HIS A 130 6.35 0.03 3.31
N PHE A 131 6.82 1.26 3.00
CA PHE A 131 6.96 2.34 3.98
C PHE A 131 7.97 1.98 5.08
N GLU A 132 9.05 1.25 4.74
CA GLU A 132 9.92 0.74 5.80
C GLU A 132 11.36 0.58 5.34
N MET A 133 11.82 1.52 4.48
CA MET A 133 13.21 1.45 4.04
CA MET A 133 13.21 1.48 4.02
C MET A 133 14.17 1.71 5.21
N PRO A 134 15.41 1.25 5.09
CA PRO A 134 16.37 1.45 6.20
C PRO A 134 16.61 2.93 6.46
N TYR A 135 16.51 3.32 7.73
CA TYR A 135 16.78 4.72 8.10
C TYR A 135 18.22 5.11 7.76
N HIS A 136 19.14 4.14 7.75
CA HIS A 136 20.50 4.44 7.36
C HIS A 136 20.58 4.90 5.90
N LEU A 137 19.71 4.37 5.03
CA LEU A 137 19.72 4.89 3.65
C LEU A 137 19.28 6.35 3.61
N VAL A 138 18.43 6.77 4.55
CA VAL A 138 17.98 8.16 4.57
C VAL A 138 19.11 9.08 5.06
N THR A 139 19.70 8.74 6.21
CA THR A 139 20.66 9.66 6.80
C THR A 139 21.96 9.72 5.99
N LYS A 140 22.43 8.57 5.49
CA LYS A 140 23.72 8.58 4.81
C LYS A 140 23.60 8.93 3.32
N TYR A 141 22.56 8.45 2.64
CA TYR A 141 22.48 8.56 1.18
C TYR A 141 21.42 9.52 0.69
N GLY A 142 20.47 9.90 1.52
CA GLY A 142 19.35 10.72 1.10
C GLY A 142 18.15 9.96 0.60
N GLY A 143 18.02 8.67 0.91
CA GLY A 143 16.93 7.88 0.36
C GLY A 143 16.92 7.94 -1.15
N PHE A 144 15.72 7.99 -1.72
CA PHE A 144 15.65 8.01 -3.17
C PHE A 144 15.94 9.39 -3.78
N ARG A 145 16.53 10.33 -3.03
CA ARG A 145 17.24 11.40 -3.72
C ARG A 145 18.47 10.87 -4.46
N ASN A 146 18.94 9.67 -4.11
CA ASN A 146 20.25 9.18 -4.52
C ASN A 146 20.09 8.02 -5.47
N ARG A 147 20.76 8.11 -6.62
CA ARG A 147 20.78 7.02 -7.59
C ARG A 147 21.36 5.74 -7.02
N GLN A 148 22.26 5.85 -6.03
CA GLN A 148 22.81 4.65 -5.41
C GLN A 148 21.72 3.79 -4.77
N VAL A 149 20.66 4.41 -4.27
CA VAL A 149 19.64 3.64 -3.56
C VAL A 149 18.84 2.76 -4.53
N ILE A 150 18.82 3.11 -5.83
CA ILE A 150 18.25 2.21 -6.83
C ILE A 150 18.93 0.85 -6.76
N ASP A 151 20.27 0.84 -6.83
CA ASP A 151 20.99 -0.44 -6.79
C ASP A 151 20.77 -1.17 -5.46
N PHE A 152 20.71 -0.42 -4.35
CA PHE A 152 20.46 -1.06 -3.06
C PHE A 152 19.10 -1.75 -3.05
N PHE A 153 18.07 -1.10 -3.63
CA PHE A 153 16.76 -1.76 -3.67
C PHE A 153 16.79 -2.98 -4.57
N VAL A 154 17.44 -2.88 -5.73
CA VAL A 154 17.45 -4.00 -6.65
C VAL A 154 18.23 -5.18 -6.07
N LYS A 155 19.34 -4.89 -5.38
CA LYS A 155 20.06 -5.93 -4.64
C LYS A 155 19.12 -6.65 -3.67
N PHE A 156 18.37 -5.88 -2.88
CA PHE A 156 17.41 -6.45 -1.93
C PHE A 156 16.33 -7.26 -2.64
N ALA A 157 15.72 -6.71 -3.70
CA ALA A 157 14.69 -7.45 -4.43
C ALA A 157 15.23 -8.76 -4.97
N GLU A 158 16.46 -8.74 -5.49
CA GLU A 158 17.03 -9.92 -6.11
C GLU A 158 17.28 -11.01 -5.06
N VAL A 159 17.73 -10.63 -3.86
CA VAL A 159 17.90 -11.61 -2.79
C VAL A 159 16.57 -12.25 -2.45
N CYS A 160 15.51 -11.45 -2.39
CA CYS A 160 14.18 -11.92 -2.02
C CYS A 160 13.60 -12.84 -3.08
N PHE A 161 13.68 -12.43 -4.36
CA PHE A 161 13.21 -13.28 -5.46
C PHE A 161 13.91 -14.63 -5.44
N THR A 162 15.22 -14.62 -5.23
CA THR A 162 16.01 -15.85 -5.28
C THR A 162 15.63 -16.77 -4.13
N ARG A 163 15.60 -16.23 -2.91
CA ARG A 163 15.31 -17.03 -1.74
C ARG A 163 13.91 -17.65 -1.78
N TYR A 164 12.91 -16.90 -2.24
CA TYR A 164 11.52 -17.33 -2.10
C TYR A 164 10.88 -17.72 -3.43
N GLN A 165 11.69 -18.06 -4.44
CA GLN A 165 11.15 -18.28 -5.77
C GLN A 165 10.20 -19.47 -5.83
N LYS A 166 10.34 -20.43 -4.92
CA LYS A 166 9.43 -21.56 -4.90
C LYS A 166 8.22 -21.33 -4.00
N LYS A 167 8.21 -20.26 -3.22
CA LYS A 167 7.15 -20.07 -2.24
C LYS A 167 6.21 -18.92 -2.54
N VAL A 168 6.68 -17.92 -3.30
CA VAL A 168 5.91 -16.71 -3.56
C VAL A 168 5.77 -16.55 -5.07
N LYS A 169 4.53 -16.51 -5.53
CA LYS A 169 4.23 -16.28 -6.95
C LYS A 169 3.92 -14.83 -7.26
N TYR A 170 3.15 -14.16 -6.41
CA TYR A 170 2.70 -12.80 -6.65
C TYR A 170 3.55 -11.82 -5.85
N TRP A 171 4.10 -10.82 -6.55
CA TRP A 171 4.91 -9.78 -5.96
C TRP A 171 4.42 -8.42 -6.40
N MET A 172 4.78 -7.41 -5.61
CA MET A 172 4.59 -6.01 -5.95
C MET A 172 5.85 -5.25 -5.53
N THR A 173 6.19 -4.20 -6.26
CA THR A 173 7.46 -3.52 -5.99
C THR A 173 7.31 -2.44 -4.91
N PHE A 174 6.68 -1.31 -5.25
CA PHE A 174 6.59 -0.17 -4.32
C PHE A 174 5.16 0.09 -3.90
N ASN A 175 4.88 -0.11 -2.60
CA ASN A 175 3.52 0.12 -2.11
C ASN A 175 3.07 1.55 -2.37
N GLU A 176 1.86 1.70 -2.91
CA GLU A 176 1.22 3.00 -3.09
C GLU A 176 2.22 4.06 -3.52
N ILE A 177 2.96 3.76 -4.59
CA ILE A 177 4.05 4.62 -5.03
C ILE A 177 3.58 6.05 -5.31
N ASN A 178 2.30 6.23 -5.63
CA ASN A 178 1.77 7.54 -6.00
C ASN A 178 1.29 8.37 -4.83
N ASN A 179 1.34 7.84 -3.59
CA ASN A 179 0.97 8.63 -2.42
C ASN A 179 1.74 9.94 -2.38
N GLN A 180 3.01 9.90 -2.79
CA GLN A 180 3.86 11.08 -2.71
C GLN A 180 3.46 12.16 -3.70
N ALA A 181 2.47 11.95 -4.56
CA ALA A 181 1.94 13.08 -5.32
C ALA A 181 1.49 14.20 -4.38
N ASN A 182 1.15 13.86 -3.13
CA ASN A 182 0.93 14.86 -2.09
C ASN A 182 2.26 15.06 -1.39
N TYR A 183 3.05 15.98 -1.91
CA TYR A 183 4.37 16.26 -1.39
C TYR A 183 4.40 17.45 -0.42
N GLU A 184 3.29 18.17 -0.27
CA GLU A 184 3.30 19.31 0.64
C GLU A 184 3.32 18.86 2.09
N GLU A 185 2.75 17.70 2.38
CA GLU A 185 2.86 17.12 3.72
C GLU A 185 4.04 16.15 3.75
N ASP A 186 4.57 15.94 4.95
CA ASP A 186 5.83 15.20 5.09
C ASP A 186 5.65 13.70 4.97
N PHE A 187 4.44 13.17 5.20
CA PHE A 187 4.27 11.73 5.39
C PHE A 187 4.67 10.93 4.15
N ALA A 188 4.03 11.22 3.02
CA ALA A 188 4.22 10.40 1.83
C ALA A 188 5.67 10.48 1.31
N PRO A 189 6.29 11.67 1.20
CA PRO A 189 7.70 11.69 0.75
C PRO A 189 8.65 10.91 1.64
N PHE A 190 8.43 10.95 2.95
CA PHE A 190 9.33 10.24 3.86
C PHE A 190 9.11 8.73 3.81
N THR A 191 7.84 8.27 3.73
CA THR A 191 7.56 6.84 3.73
C THR A 191 7.64 6.21 2.35
N ASN A 192 7.21 6.91 1.31
CA ASN A 192 7.41 6.39 -0.02
C ASN A 192 8.90 6.33 -0.35
N SER A 193 9.66 7.35 0.06
CA SER A 193 10.88 7.66 -0.68
C SER A 193 12.10 7.96 0.19
N GLY A 194 11.95 8.02 1.51
CA GLY A 194 13.09 8.38 2.34
C GLY A 194 13.52 9.82 2.14
N ILE A 195 12.59 10.71 1.78
CA ILE A 195 12.89 12.13 1.63
C ILE A 195 12.59 12.82 2.96
N ALA A 196 13.63 13.38 3.58
CA ALA A 196 13.52 14.29 4.72
C ALA A 196 13.91 15.68 4.20
N TYR A 197 12.96 16.60 4.16
CA TYR A 197 13.18 17.89 3.51
C TYR A 197 13.94 18.85 4.41
N GLN A 198 14.88 19.59 3.82
CA GLN A 198 15.51 20.74 4.45
C GLN A 198 14.74 22.01 4.09
N GLU A 199 14.84 23.00 4.98
CA GLU A 199 14.16 24.27 4.78
C GLU A 199 14.59 24.92 3.46
N GLY A 200 13.62 25.45 2.72
CA GLY A 200 13.86 26.16 1.48
C GLY A 200 13.91 25.29 0.24
N GLU A 201 13.89 23.97 0.37
CA GLU A 201 13.98 23.07 -0.77
C GLU A 201 12.70 23.08 -1.60
N ASP A 202 12.85 22.80 -2.90
CA ASP A 202 11.73 22.61 -3.83
C ASP A 202 11.18 21.21 -3.59
N ARG A 203 10.15 21.11 -2.77
CA ARG A 203 9.66 19.79 -2.37
C ARG A 203 9.11 19.01 -3.56
N GLU A 204 8.49 19.69 -4.51
CA GLU A 204 7.88 19.02 -5.65
C GLU A 204 8.94 18.37 -6.55
N ALA A 205 9.99 19.13 -6.88
CA ALA A 205 11.02 18.61 -7.76
C ALA A 205 11.70 17.38 -7.16
N ILE A 206 11.97 17.42 -5.86
CA ILE A 206 12.62 16.28 -5.20
C ILE A 206 11.73 15.05 -5.25
N MET A 207 10.41 15.23 -5.06
CA MET A 207 9.50 14.11 -5.14
C MET A 207 9.53 13.46 -6.52
N TYR A 208 9.51 14.27 -7.59
CA TYR A 208 9.47 13.70 -8.93
C TYR A 208 10.77 12.97 -9.23
N GLN A 209 11.90 13.47 -8.72
CA GLN A 209 13.17 12.80 -8.96
C GLN A 209 13.23 11.46 -8.24
N ALA A 210 12.71 11.41 -7.01
CA ALA A 210 12.63 10.14 -6.29
C ALA A 210 11.66 9.18 -6.95
N ALA A 211 10.52 9.69 -7.41
CA ALA A 211 9.57 8.82 -8.10
C ALA A 211 10.20 8.22 -9.36
N HIS A 212 10.99 9.02 -10.10
CA HIS A 212 11.68 8.45 -11.26
C HIS A 212 12.62 7.32 -10.85
N TYR A 213 13.45 7.56 -9.84
CA TYR A 213 14.40 6.53 -9.42
C TYR A 213 13.68 5.27 -8.95
N GLU A 214 12.55 5.44 -8.27
CA GLU A 214 11.78 4.27 -7.83
C GLU A 214 11.20 3.51 -9.01
N LEU A 215 10.65 4.23 -10.00
CA LEU A 215 10.13 3.55 -11.17
C LEU A 215 11.22 2.79 -11.90
N VAL A 216 12.44 3.37 -11.95
CA VAL A 216 13.58 2.69 -12.55
C VAL A 216 13.93 1.45 -11.71
N ALA A 217 13.98 1.62 -10.39
CA ALA A 217 14.25 0.48 -9.51
C ALA A 217 13.23 -0.64 -9.70
N SER A 218 11.95 -0.28 -9.75
CA SER A 218 10.90 -1.28 -9.96
C SER A 218 11.12 -2.02 -11.27
N ALA A 219 11.37 -1.29 -12.36
CA ALA A 219 11.54 -1.92 -13.67
C ALA A 219 12.74 -2.85 -13.71
N ARG A 220 13.87 -2.43 -13.15
CA ARG A 220 15.02 -3.33 -13.02
C ARG A 220 14.64 -4.58 -12.24
N ALA A 221 13.86 -4.40 -11.17
CA ALA A 221 13.46 -5.54 -10.35
C ALA A 221 12.56 -6.48 -11.14
N VAL A 222 11.63 -5.91 -11.92
CA VAL A 222 10.72 -6.75 -12.71
C VAL A 222 11.52 -7.67 -13.64
N LYS A 223 12.47 -7.10 -14.38
CA LYS A 223 13.23 -7.89 -15.34
C LYS A 223 14.04 -8.96 -14.64
N ILE A 224 14.70 -8.59 -13.53
CA ILE A 224 15.49 -9.54 -12.76
C ILE A 224 14.60 -10.64 -12.20
N GLY A 225 13.46 -10.27 -11.65
CA GLY A 225 12.53 -11.27 -11.12
C GLY A 225 12.08 -12.24 -12.20
N HIS A 226 11.78 -11.70 -13.39
CA HIS A 226 11.32 -12.55 -14.48
CA HIS A 226 11.32 -12.55 -14.49
C HIS A 226 12.40 -13.53 -14.92
N ALA A 227 13.67 -13.11 -14.88
CA ALA A 227 14.75 -14.01 -15.23
C ALA A 227 14.90 -15.12 -14.20
N ILE A 228 14.59 -14.83 -12.93
CA ILE A 228 14.69 -15.85 -11.89
C ILE A 228 13.55 -16.86 -11.98
N ASN A 229 12.31 -16.40 -12.19
CA ASN A 229 11.15 -17.29 -12.29
C ASN A 229 10.13 -16.64 -13.22
N PRO A 230 10.03 -17.08 -14.47
CA PRO A 230 9.07 -16.47 -15.41
C PRO A 230 7.61 -16.69 -15.03
N ASP A 231 7.33 -17.59 -14.09
CA ASP A 231 6.00 -17.75 -13.54
C ASP A 231 5.64 -16.71 -12.48
N PHE A 232 6.61 -15.92 -12.00
CA PHE A 232 6.29 -14.79 -11.13
C PHE A 232 5.26 -13.91 -11.80
N GLN A 233 4.32 -13.38 -11.02
CA GLN A 233 3.47 -12.28 -11.44
C GLN A 233 3.89 -11.06 -10.62
N ILE A 234 4.47 -10.05 -11.28
CA ILE A 234 5.01 -8.87 -10.58
C ILE A 234 4.18 -7.66 -11.00
N GLY A 235 3.49 -7.06 -10.00
CA GLY A 235 2.60 -5.96 -10.26
C GLY A 235 3.11 -4.67 -9.65
N CYS A 236 2.53 -3.56 -10.10
CA CYS A 236 2.67 -2.31 -9.39
C CYS A 236 1.63 -2.23 -8.29
N MET A 237 1.76 -1.19 -7.45
CA MET A 237 0.80 -0.98 -6.37
C MET A 237 0.45 0.50 -6.37
N ILE A 238 -0.79 0.81 -6.73
CA ILE A 238 -1.28 2.17 -6.90
C ILE A 238 -2.31 2.44 -5.83
N ALA A 239 -2.19 3.58 -5.13
CA ALA A 239 -3.26 4.03 -4.25
C ALA A 239 -4.32 4.70 -5.11
N MET A 240 -5.44 4.03 -5.35
CA MET A 240 -6.39 4.50 -6.34
C MET A 240 -7.50 5.26 -5.63
N VAL A 241 -7.38 6.59 -5.59
CA VAL A 241 -8.46 7.45 -5.13
C VAL A 241 -9.03 8.16 -6.35
N PRO A 242 -10.21 7.77 -6.83
CA PRO A 242 -10.79 8.48 -7.97
C PRO A 242 -11.07 9.93 -7.59
N ILE A 243 -10.82 10.84 -8.51
CA ILE A 243 -11.03 12.27 -8.29
C ILE A 243 -12.11 12.71 -9.24
N TYR A 244 -13.31 12.97 -8.71
CA TYR A 244 -14.50 13.33 -9.47
C TYR A 244 -14.54 14.84 -9.73
N PRO A 245 -15.02 15.25 -10.91
CA PRO A 245 -15.42 16.65 -11.09
C PRO A 245 -16.65 16.94 -10.24
N TYR A 246 -16.68 18.12 -9.63
CA TYR A 246 -17.81 18.44 -8.76
C TYR A 246 -19.12 18.49 -9.56
N SER A 247 -19.06 18.86 -10.83
CA SER A 247 -20.24 19.07 -11.64
C SER A 247 -19.85 18.97 -13.11
N CYS A 248 -20.85 19.03 -13.99
CA CYS A 248 -20.55 19.02 -15.42
C CYS A 248 -20.06 20.36 -15.93
N ASN A 249 -19.81 21.32 -15.03
CA ASN A 249 -19.11 22.53 -15.42
C ASN A 249 -17.83 22.14 -16.15
N PRO A 250 -17.58 22.66 -17.34
CA PRO A 250 -16.41 22.22 -18.10
C PRO A 250 -15.09 22.43 -17.40
N GLU A 251 -14.94 23.48 -16.57
CA GLU A 251 -13.68 23.61 -15.86
C GLU A 251 -13.56 22.58 -14.72
N ASP A 252 -14.69 22.12 -14.15
CA ASP A 252 -14.62 21.00 -13.20
C ASP A 252 -14.16 19.73 -13.89
N MET A 253 -14.67 19.46 -15.10
CA MET A 253 -14.24 18.30 -15.85
C MET A 253 -12.74 18.33 -16.10
N MET A 254 -12.22 19.46 -16.57
CA MET A 254 -10.78 19.52 -16.89
C MET A 254 -9.94 19.50 -15.63
N MET A 255 -10.42 20.11 -14.54
CA MET A 255 -9.69 20.01 -13.28
C MET A 255 -9.55 18.56 -12.83
N SER A 256 -10.62 17.77 -12.97
CA SER A 256 -10.54 16.36 -12.59
C SER A 256 -9.59 15.59 -13.49
N VAL A 257 -9.60 15.88 -14.79
CA VAL A 257 -8.68 15.22 -15.72
C VAL A 257 -7.24 15.50 -15.30
N SER A 258 -6.94 16.78 -15.02
CA SER A 258 -5.58 17.19 -14.68
C SER A 258 -5.14 16.58 -13.35
N ALA A 259 -6.04 16.53 -12.37
CA ALA A 259 -5.69 15.93 -11.09
C ALA A 259 -5.36 14.45 -11.26
N MET A 260 -6.17 13.74 -12.04
CA MET A 260 -5.92 12.33 -12.31
C MET A 260 -4.58 12.12 -13.01
N GLN A 261 -4.21 13.02 -13.94
CA GLN A 261 -2.89 12.91 -14.55
C GLN A 261 -1.78 13.08 -13.51
N LYS A 262 -1.96 14.04 -12.59
CA LYS A 262 -0.92 14.30 -11.58
C LYS A 262 -0.81 13.16 -10.60
N ARG A 263 -1.92 12.49 -10.29
CA ARG A 263 -1.90 11.44 -9.29
C ARG A 263 -1.57 10.07 -9.86
N TYR A 264 -1.76 9.84 -11.17
CA TYR A 264 -1.66 8.47 -11.68
C TYR A 264 -0.70 8.29 -12.84
N TRP A 265 0.12 9.30 -13.18
CA TRP A 265 1.10 9.08 -14.25
C TRP A 265 2.03 7.93 -13.91
N PHE A 266 2.25 7.69 -12.61
CA PHE A 266 3.06 6.56 -12.16
C PHE A 266 2.60 5.26 -12.80
N THR A 267 1.29 5.10 -12.95
CA THR A 267 0.73 3.87 -13.50
C THR A 267 1.16 3.69 -14.95
N ASP A 268 1.11 4.78 -15.73
CA ASP A 268 1.51 4.73 -17.14
C ASP A 268 2.94 4.23 -17.30
N VAL A 269 3.87 4.73 -16.47
CA VAL A 269 5.25 4.25 -16.55
C VAL A 269 5.33 2.78 -16.17
N HIS A 270 4.68 2.41 -15.06
CA HIS A 270 4.69 1.01 -14.62
C HIS A 270 4.16 0.08 -15.72
N VAL A 271 3.08 0.49 -16.39
CA VAL A 271 2.37 -0.41 -17.29
C VAL A 271 2.94 -0.36 -18.70
N ARG A 272 3.13 0.84 -19.22
CA ARG A 272 3.53 1.01 -20.62
C ARG A 272 5.04 1.10 -20.82
N GLY A 273 5.78 1.51 -19.79
CA GLY A 273 7.22 1.56 -19.87
C GLY A 273 7.83 2.87 -20.31
N HIS A 274 7.03 3.93 -20.39
CA HIS A 274 7.52 5.25 -20.77
C HIS A 274 6.58 6.29 -20.16
N TYR A 275 7.06 7.54 -20.11
CA TYR A 275 6.30 8.61 -19.48
C TYR A 275 5.16 9.06 -20.38
N PRO A 276 4.00 9.38 -19.80
CA PRO A 276 2.90 9.96 -20.58
C PRO A 276 3.20 11.42 -20.90
N SER A 277 2.65 11.88 -22.03
CA SER A 277 3.06 13.18 -22.54
C SER A 277 2.55 14.32 -21.67
N ALA A 278 1.41 14.16 -20.97
CA ALA A 278 0.93 15.28 -20.16
C ALA A 278 1.86 15.56 -18.97
N ILE A 279 2.35 14.51 -18.30
CA ILE A 279 3.25 14.79 -17.17
C ILE A 279 4.60 15.29 -17.68
N GLN A 280 5.05 14.83 -18.85
CA GLN A 280 6.29 15.34 -19.43
C GLN A 280 6.19 16.84 -19.70
N CYS A 281 5.07 17.27 -20.27
CA CYS A 281 4.85 18.68 -20.56
C CYS A 281 4.75 19.50 -19.28
N TYR A 282 4.12 18.94 -18.24
CA TYR A 282 4.08 19.61 -16.95
C TYR A 282 5.47 19.84 -16.40
N LEU A 283 6.31 18.79 -16.43
CA LEU A 283 7.66 18.91 -15.88
C LEU A 283 8.47 19.94 -16.67
N LYS A 284 8.34 19.93 -18.00
CA LYS A 284 9.05 20.90 -18.82
C LYS A 284 8.60 22.32 -18.49
N ARG A 285 7.28 22.53 -18.38
CA ARG A 285 6.74 23.85 -18.08
C ARG A 285 7.18 24.34 -16.70
N LYS A 286 7.27 23.44 -15.73
CA LYS A 286 7.76 23.79 -14.40
C LYS A 286 9.29 23.76 -14.30
N ASN A 287 9.97 23.45 -15.39
CA ASN A 287 11.42 23.28 -15.39
C ASN A 287 11.87 22.34 -14.27
N ILE A 288 11.13 21.26 -14.07
CA ILE A 288 11.55 20.18 -13.20
C ILE A 288 12.34 19.22 -14.09
N SER A 289 13.66 19.32 -14.02
CA SER A 289 14.52 18.66 -15.00
C SER A 289 15.21 17.50 -14.31
N LEU A 290 14.65 16.30 -14.48
CA LEU A 290 15.10 15.13 -13.77
C LEU A 290 16.37 14.55 -14.39
N ASP A 291 17.14 13.85 -13.55
CA ASP A 291 18.29 13.06 -13.99
C ASP A 291 17.73 11.79 -14.64
N VAL A 292 17.49 11.86 -15.94
CA VAL A 292 16.97 10.73 -16.72
C VAL A 292 17.99 10.41 -17.80
N THR A 293 18.46 9.17 -17.82
CA THR A 293 19.44 8.71 -18.80
C THR A 293 18.80 7.73 -19.78
N GLU A 294 19.56 7.42 -20.83
CA GLU A 294 19.04 6.48 -21.82
C GLU A 294 18.94 5.07 -21.25
N GLU A 295 19.87 4.67 -20.37
CA GLU A 295 19.70 3.36 -19.75
C GLU A 295 18.45 3.32 -18.87
N ASP A 296 18.09 4.45 -18.24
CA ASP A 296 16.85 4.52 -17.47
C ASP A 296 15.65 4.18 -18.35
N LEU A 297 15.55 4.83 -19.51
CA LEU A 297 14.43 4.62 -20.41
C LEU A 297 14.39 3.20 -20.92
N THR A 298 15.55 2.60 -21.18
CA THR A 298 15.58 1.20 -21.59
C THR A 298 15.14 0.28 -20.46
N ASP A 299 15.58 0.56 -19.23
CA ASP A 299 15.13 -0.21 -18.08
C ASP A 299 13.62 -0.13 -17.90
N LEU A 300 13.05 1.08 -17.98
CA LEU A 300 11.60 1.25 -17.84
C LEU A 300 10.86 0.47 -18.91
N ALA A 301 11.35 0.53 -20.16
CA ALA A 301 10.68 -0.16 -21.26
C ALA A 301 10.69 -1.67 -21.07
N ASN A 302 11.71 -2.22 -20.44
CA ASN A 302 11.83 -3.67 -20.27
C ASN A 302 11.36 -4.15 -18.90
N GLY A 303 10.78 -3.27 -18.08
CA GLY A 303 10.31 -3.71 -16.78
C GLY A 303 8.84 -3.43 -16.51
N CYS A 304 8.00 -3.46 -17.55
CA CYS A 304 6.57 -3.27 -17.38
C CYS A 304 5.98 -4.39 -16.52
N VAL A 305 4.95 -4.02 -15.74
CA VAL A 305 4.38 -4.95 -14.76
C VAL A 305 3.35 -5.87 -15.42
N ASP A 306 3.05 -6.98 -14.72
CA ASP A 306 2.13 -8.02 -15.18
C ASP A 306 0.68 -7.75 -14.81
N TYR A 307 0.45 -6.98 -13.75
CA TYR A 307 -0.89 -6.68 -13.28
C TYR A 307 -0.83 -5.40 -12.47
N ILE A 308 -1.99 -4.83 -12.18
CA ILE A 308 -2.09 -3.62 -11.39
C ILE A 308 -2.68 -4.00 -10.04
N GLY A 309 -1.87 -3.94 -9.00
CA GLY A 309 -2.38 -4.01 -7.64
C GLY A 309 -2.76 -2.61 -7.20
N PHE A 310 -3.84 -2.51 -6.43
CA PHE A 310 -4.21 -1.18 -6.00
C PHE A 310 -4.98 -1.26 -4.70
N SER A 311 -4.94 -0.16 -3.97
CA SER A 311 -5.80 -0.01 -2.82
C SER A 311 -6.98 0.87 -3.20
N TYR A 312 -8.09 0.66 -2.50
CA TYR A 312 -9.25 1.51 -2.64
C TYR A 312 -9.84 1.70 -1.26
N CYS A 313 -10.05 2.97 -0.88
CA CYS A 313 -10.71 3.28 0.37
C CYS A 313 -11.81 4.33 0.20
N MET A 314 -11.65 5.23 -0.77
CA MET A 314 -12.44 6.46 -0.79
C MET A 314 -12.33 7.11 -2.16
N SER A 315 -13.15 8.14 -2.36
CA SER A 315 -13.02 8.99 -3.52
C SER A 315 -12.90 10.44 -3.08
N PHE A 316 -12.33 11.26 -3.97
CA PHE A 316 -12.23 12.71 -3.83
C PHE A 316 -13.13 13.41 -4.84
N ALA A 317 -13.28 14.72 -4.65
CA ALA A 317 -13.94 15.59 -5.62
C ALA A 317 -13.19 16.92 -5.68
N VAL A 318 -13.22 17.57 -6.85
CA VAL A 318 -12.53 18.83 -7.07
C VAL A 318 -13.42 19.79 -7.85
N LYS A 319 -13.23 21.08 -7.60
CA LYS A 319 -13.80 22.15 -8.40
C LYS A 319 -12.71 22.83 -9.22
N GLY A 320 -13.07 23.30 -10.41
CA GLY A 320 -12.13 23.94 -11.30
C GLY A 320 -12.18 25.44 -11.32
N ALA A 321 -13.09 26.05 -10.56
CA ALA A 321 -13.19 27.51 -10.51
C ALA A 321 -11.83 28.11 -10.19
N GLU A 322 -11.41 29.07 -11.02
CA GLU A 322 -10.20 29.88 -10.85
C GLU A 322 -8.91 29.09 -11.09
N LYS A 323 -9.01 27.81 -11.45
CA LYS A 323 -7.83 27.00 -11.75
C LYS A 323 -7.30 27.25 -13.16
N GLY A 324 -7.90 28.20 -13.87
CA GLY A 324 -7.24 28.88 -14.95
C GLY A 324 -7.08 27.95 -16.13
N PRO A 325 -5.97 28.11 -16.83
CA PRO A 325 -5.65 27.16 -17.91
C PRO A 325 -4.74 26.04 -17.43
N THR A 326 -4.01 26.24 -16.32
CA THR A 326 -3.02 25.23 -15.92
C THR A 326 -3.64 24.09 -15.13
N PHE A 327 -4.69 24.35 -14.37
CA PHE A 327 -5.32 23.31 -13.54
C PHE A 327 -4.30 22.60 -12.66
N ASP A 328 -3.39 23.38 -12.07
CA ASP A 328 -2.46 22.80 -11.11
C ASP A 328 -3.23 22.20 -9.93
N TYR A 329 -2.69 21.14 -9.35
CA TYR A 329 -3.40 20.34 -8.36
C TYR A 329 -2.55 20.17 -7.12
N ASN A 330 -3.02 20.72 -6.00
CA ASN A 330 -2.41 20.57 -4.69
C ASN A 330 -3.37 19.75 -3.86
N GLU A 331 -3.04 18.47 -3.66
CA GLU A 331 -3.94 17.57 -2.96
C GLU A 331 -4.19 18.02 -1.53
N ALA A 332 -3.21 18.68 -0.90
CA ALA A 332 -3.39 19.07 0.48
C ALA A 332 -4.38 20.23 0.67
N LYS A 333 -4.77 20.90 -0.41
CA LYS A 333 -5.62 22.09 -0.31
C LYS A 333 -6.87 22.06 -1.19
N ASP A 334 -6.81 21.40 -2.35
CA ASP A 334 -7.79 21.61 -3.43
C ASP A 334 -8.99 20.67 -3.40
N LEU A 335 -9.09 19.78 -2.42
CA LEU A 335 -10.20 18.83 -2.37
C LEU A 335 -11.45 19.49 -1.80
N VAL A 336 -12.61 18.98 -2.20
CA VAL A 336 -13.89 19.45 -1.68
C VAL A 336 -14.72 18.26 -1.23
N ARG A 337 -15.58 18.50 -0.24
CA ARG A 337 -16.47 17.48 0.26
C ARG A 337 -17.48 17.09 -0.82
N ASN A 338 -17.70 15.78 -0.97
CA ASN A 338 -18.69 15.28 -1.92
C ASN A 338 -20.03 15.16 -1.19
N PRO A 339 -21.02 16.01 -1.49
CA PRO A 339 -22.28 15.97 -0.73
C PRO A 339 -23.08 14.69 -0.88
N TYR A 340 -22.74 13.82 -1.83
CA TYR A 340 -23.56 12.64 -2.12
C TYR A 340 -23.14 11.39 -1.36
N VAL A 341 -22.06 11.44 -0.57
CA VAL A 341 -21.58 10.26 0.14
C VAL A 341 -21.34 10.58 1.61
N ALA A 342 -21.31 9.52 2.41
CA ALA A 342 -20.94 9.61 3.82
C ALA A 342 -19.42 9.67 3.97
N THR A 343 -18.95 9.75 5.21
CA THR A 343 -17.52 9.83 5.48
C THR A 343 -17.24 9.17 6.82
N SER A 344 -16.06 8.58 6.95
CA SER A 344 -15.68 7.91 8.18
C SER A 344 -15.33 8.95 9.25
N ASP A 345 -15.04 8.45 10.46
CA ASP A 345 -14.64 9.31 11.57
C ASP A 345 -13.25 9.90 11.36
N TRP A 346 -12.43 9.31 10.51
CA TRP A 346 -11.17 9.91 10.09
C TRP A 346 -11.33 10.74 8.81
N GLY A 347 -12.56 10.96 8.36
CA GLY A 347 -12.80 11.83 7.23
C GLY A 347 -12.58 11.19 5.87
N TRP A 348 -12.50 9.87 5.79
CA TRP A 348 -12.36 9.19 4.51
C TRP A 348 -13.74 8.92 3.93
N GLN A 349 -14.03 9.50 2.76
CA GLN A 349 -15.36 9.40 2.20
C GLN A 349 -15.68 7.95 1.81
N ILE A 350 -16.92 7.55 2.02
CA ILE A 350 -17.37 6.18 1.79
C ILE A 350 -18.10 6.15 0.45
N ASP A 351 -17.57 5.40 -0.51
CA ASP A 351 -18.03 5.46 -1.89
C ASP A 351 -17.78 4.10 -2.53
N PRO A 352 -18.63 3.11 -2.24
CA PRO A 352 -18.42 1.79 -2.82
C PRO A 352 -18.51 1.79 -4.33
N MET A 353 -19.37 2.65 -4.91
CA MET A 353 -19.46 2.70 -6.36
CA MET A 353 -19.47 2.74 -6.36
C MET A 353 -18.17 3.21 -6.98
N GLY A 354 -17.42 4.04 -6.26
CA GLY A 354 -16.12 4.47 -6.77
C GLY A 354 -15.14 3.32 -6.97
N LEU A 355 -15.34 2.18 -6.30
CA LEU A 355 -14.46 1.05 -6.56
C LEU A 355 -14.69 0.51 -7.96
N ARG A 356 -15.97 0.41 -8.36
CA ARG A 356 -16.27 0.03 -9.74
C ARG A 356 -15.73 1.07 -10.71
N TYR A 357 -15.87 2.35 -10.35
CA TYR A 357 -15.31 3.43 -11.18
C TYR A 357 -13.81 3.25 -11.34
N ALA A 358 -13.11 3.04 -10.21
CA ALA A 358 -11.66 2.84 -10.24
C ALA A 358 -11.28 1.69 -11.15
N MET A 359 -11.98 0.56 -11.04
CA MET A 359 -11.64 -0.60 -11.84
C MET A 359 -11.82 -0.31 -13.33
N ASN A 360 -12.86 0.45 -13.67
CA ASN A 360 -13.05 0.82 -15.08
C ASN A 360 -12.01 1.82 -15.53
N TRP A 361 -11.61 2.73 -14.65
CA TRP A 361 -10.56 3.70 -14.98
C TRP A 361 -9.28 2.97 -15.40
N PHE A 362 -8.85 1.98 -14.62
CA PHE A 362 -7.67 1.19 -15.00
C PHE A 362 -7.92 0.44 -16.30
N ASN A 363 -9.03 -0.29 -16.36
CA ASN A 363 -9.29 -1.19 -17.48
C ASN A 363 -9.45 -0.43 -18.80
N ASP A 364 -10.06 0.75 -18.76
CA ASP A 364 -10.21 1.54 -19.98
C ASP A 364 -8.85 1.89 -20.56
N ARG A 365 -7.85 2.09 -19.70
CA ARG A 365 -6.54 2.54 -20.15
C ARG A 365 -5.60 1.40 -20.45
N TYR A 366 -5.60 0.32 -19.67
CA TYR A 366 -4.48 -0.61 -19.65
C TYR A 366 -4.81 -2.04 -20.02
N GLU A 367 -6.06 -2.49 -19.88
CA GLU A 367 -6.43 -3.87 -20.21
C GLU A 367 -5.53 -4.90 -19.50
N LEU A 368 -5.12 -4.62 -18.27
CA LEU A 368 -4.36 -5.57 -17.47
C LEU A 368 -5.22 -6.18 -16.38
N PRO A 369 -4.90 -7.40 -15.91
CA PRO A 369 -5.58 -7.93 -14.73
C PRO A 369 -5.38 -6.99 -13.55
N LEU A 370 -6.39 -6.92 -12.69
CA LEU A 370 -6.34 -6.09 -11.50
C LEU A 370 -6.35 -6.97 -10.25
N PHE A 371 -5.76 -6.45 -9.18
CA PHE A 371 -5.75 -7.13 -7.89
C PHE A 371 -6.08 -6.09 -6.83
N ILE A 372 -7.22 -6.22 -6.17
CA ILE A 372 -7.55 -5.32 -5.06
C ILE A 372 -6.79 -5.81 -3.83
N VAL A 373 -5.65 -5.16 -3.53
CA VAL A 373 -4.79 -5.63 -2.47
C VAL A 373 -4.93 -4.84 -1.19
N GLU A 374 -5.77 -3.81 -1.16
CA GLU A 374 -6.19 -3.18 0.09
C GLU A 374 -7.58 -2.62 -0.07
N ASN A 375 -8.43 -2.84 0.93
CA ASN A 375 -9.75 -2.21 1.01
C ASN A 375 -10.19 -2.40 2.46
N GLY A 376 -10.75 -1.38 3.09
CA GLY A 376 -11.06 -1.54 4.49
C GLY A 376 -11.76 -0.32 5.04
N PHE A 377 -12.39 -0.54 6.21
CA PHE A 377 -13.11 0.52 6.91
C PHE A 377 -12.46 0.68 8.29
N GLY A 378 -11.72 1.77 8.47
CA GLY A 378 -11.12 2.10 9.74
C GLY A 378 -12.11 2.76 10.67
N ALA A 379 -12.40 2.13 11.81
CA ALA A 379 -13.44 2.61 12.69
C ALA A 379 -13.14 2.20 14.12
N ILE A 380 -13.81 2.85 15.06
CA ILE A 380 -13.69 2.50 16.48
C ILE A 380 -14.49 1.25 16.75
N ASP A 381 -13.88 0.31 17.47
CA ASP A 381 -14.56 -0.89 17.93
C ASP A 381 -14.77 -0.83 19.43
N GLU A 382 -15.86 -1.44 19.87
CA GLU A 382 -16.25 -1.47 21.26
C GLU A 382 -16.40 -2.92 21.67
N LEU A 383 -15.87 -3.27 22.83
CA LEU A 383 -16.11 -4.58 23.44
C LEU A 383 -17.37 -4.50 24.28
N GLU A 384 -18.31 -5.40 24.01
CA GLU A 384 -19.33 -5.67 25.00
C GLU A 384 -18.75 -6.60 26.07
N PRO A 385 -19.18 -6.45 27.33
CA PRO A 385 -18.55 -7.26 28.40
C PRO A 385 -18.71 -8.76 28.17
N ASP A 386 -19.82 -9.19 27.55
CA ASP A 386 -19.92 -10.55 27.05
C ASP A 386 -18.72 -10.95 26.19
N GLY A 387 -18.05 -9.98 25.56
CA GLY A 387 -16.80 -10.20 24.87
C GLY A 387 -16.84 -9.95 23.38
N THR A 388 -18.01 -9.89 22.77
CA THR A 388 -18.09 -9.80 21.32
C THR A 388 -17.84 -8.37 20.85
N ILE A 389 -17.55 -8.26 19.55
CA ILE A 389 -17.37 -6.99 18.85
C ILE A 389 -18.41 -6.96 17.74
N ASN A 390 -19.39 -6.07 17.84
CA ASN A 390 -20.49 -6.01 16.88
C ASN A 390 -20.17 -4.93 15.84
N ASP A 391 -19.27 -5.26 14.92
CA ASP A 391 -18.85 -4.27 13.92
C ASP A 391 -19.66 -4.39 12.64
N THR A 392 -20.98 -4.19 12.77
CA THR A 392 -21.86 -4.15 11.59
C THR A 392 -21.48 -3.03 10.64
N TYR A 393 -21.00 -1.90 11.16
CA TYR A 393 -20.53 -0.82 10.30
C TYR A 393 -19.43 -1.27 9.36
N ARG A 394 -18.63 -2.26 9.79
CA ARG A 394 -17.53 -2.75 8.97
C ARG A 394 -18.00 -3.77 7.95
N ILE A 395 -18.93 -4.63 8.35
CA ILE A 395 -19.57 -5.54 7.40
C ILE A 395 -20.28 -4.74 6.31
N ALA A 396 -20.96 -3.67 6.69
CA ALA A 396 -21.71 -2.88 5.71
C ALA A 396 -20.79 -2.26 4.67
N TYR A 397 -19.72 -1.59 5.13
CA TYR A 397 -18.74 -1.05 4.20
C TYR A 397 -18.20 -2.13 3.28
N LEU A 398 -17.70 -3.23 3.85
CA LEU A 398 -17.03 -4.23 3.02
C LEU A 398 -18.00 -4.91 2.06
N ARG A 399 -19.20 -5.28 2.54
CA ARG A 399 -20.14 -5.98 1.68
C ARG A 399 -20.55 -5.13 0.49
N GLU A 400 -20.67 -3.82 0.68
CA GLU A 400 -21.06 -3.01 -0.48
C GLU A 400 -19.90 -2.82 -1.45
N HIS A 401 -18.67 -2.85 -0.96
CA HIS A 401 -17.53 -2.75 -1.87
C HIS A 401 -17.35 -4.03 -2.65
N ILE A 402 -17.55 -5.18 -2.00
CA ILE A 402 -17.45 -6.45 -2.71
C ILE A 402 -18.58 -6.59 -3.73
N GLU A 403 -19.74 -6.01 -3.44
CA GLU A 403 -20.84 -6.06 -4.41
C GLU A 403 -20.53 -5.22 -5.63
N MET A 404 -19.93 -4.05 -5.43
CA MET A 404 -19.53 -3.22 -6.57
C MET A 404 -18.40 -3.88 -7.36
N MET A 405 -17.46 -4.52 -6.66
CA MET A 405 -16.41 -5.22 -7.37
C MET A 405 -16.98 -6.38 -8.19
N LYS A 406 -18.02 -7.04 -7.69
CA LYS A 406 -18.69 -8.08 -8.46
C LYS A 406 -19.41 -7.48 -9.67
N GLU A 407 -20.02 -6.30 -9.50
CA GLU A 407 -20.70 -5.66 -10.63
C GLU A 407 -19.69 -5.30 -11.73
N ALA A 408 -18.48 -4.90 -11.33
CA ALA A 408 -17.45 -4.59 -12.33
C ALA A 408 -17.05 -5.83 -13.12
N VAL A 409 -16.98 -6.99 -12.46
CA VAL A 409 -16.62 -8.21 -13.18
C VAL A 409 -17.79 -8.65 -14.07
N ALA A 410 -19.01 -8.57 -13.54
CA ALA A 410 -20.19 -9.11 -14.24
C ALA A 410 -20.65 -8.21 -15.38
N TYR A 411 -20.55 -6.89 -15.24
CA TYR A 411 -21.09 -5.96 -16.22
C TYR A 411 -20.04 -5.26 -17.06
N ASP A 412 -18.85 -5.01 -16.51
CA ASP A 412 -17.80 -4.26 -17.18
C ASP A 412 -16.68 -5.14 -17.72
N GLY A 413 -16.77 -6.47 -17.53
CA GLY A 413 -15.79 -7.40 -18.06
C GLY A 413 -14.40 -7.30 -17.47
N ILE A 414 -14.29 -6.77 -16.24
CA ILE A 414 -12.99 -6.61 -15.58
C ILE A 414 -12.40 -7.97 -15.23
N ASP A 415 -11.09 -8.12 -15.43
CA ASP A 415 -10.37 -9.33 -15.04
C ASP A 415 -9.79 -9.10 -13.63
N LEU A 416 -10.46 -9.65 -12.62
CA LEU A 416 -10.12 -9.39 -11.22
C LEU A 416 -9.47 -10.64 -10.61
N MET A 417 -8.22 -10.48 -10.17
CA MET A 417 -7.41 -11.60 -9.67
C MET A 417 -7.77 -12.01 -8.24
N GLY A 418 -8.22 -11.08 -7.41
CA GLY A 418 -8.33 -11.37 -5.99
C GLY A 418 -8.71 -10.14 -5.19
N TYR A 419 -8.88 -10.35 -3.88
CA TYR A 419 -9.37 -9.31 -2.98
C TYR A 419 -8.75 -9.56 -1.62
N THR A 420 -7.94 -8.64 -1.12
CA THR A 420 -7.33 -8.80 0.21
C THR A 420 -7.67 -7.58 1.06
N PRO A 421 -8.68 -7.67 1.93
CA PRO A 421 -9.04 -6.53 2.78
C PRO A 421 -7.89 -6.10 3.67
N TRP A 422 -7.81 -4.79 3.92
CA TRP A 422 -6.67 -4.23 4.63
C TRP A 422 -6.85 -4.35 6.14
N GLY A 423 -5.75 -4.65 6.82
CA GLY A 423 -5.74 -4.58 8.28
C GLY A 423 -6.68 -5.61 8.89
N PHE A 424 -6.79 -6.78 8.27
CA PHE A 424 -7.81 -7.76 8.64
C PHE A 424 -7.54 -8.38 10.01
N ILE A 425 -6.35 -8.22 10.55
CA ILE A 425 -6.11 -8.32 11.98
C ILE A 425 -5.64 -6.93 12.43
N ASP A 426 -6.30 -6.39 13.45
CA ASP A 426 -6.02 -5.05 13.94
C ASP A 426 -4.52 -4.83 14.02
N LEU A 427 -4.05 -3.74 13.40
CA LEU A 427 -2.63 -3.40 13.43
C LEU A 427 -2.47 -1.89 13.58
N VAL A 428 -1.22 -1.44 13.63
CA VAL A 428 -0.93 -0.01 13.78
C VAL A 428 -1.17 0.69 12.45
N SER A 429 -2.02 1.71 12.46
CA SER A 429 -2.36 2.40 11.21
C SER A 429 -1.17 3.17 10.66
N ALA A 430 -1.16 3.39 9.34
CA ALA A 430 -0.04 4.05 8.70
C ALA A 430 -0.14 5.56 8.88
N SER A 431 -1.24 6.14 8.41
CA SER A 431 -1.39 7.60 8.41
C SER A 431 -1.26 8.17 9.82
N THR A 432 -1.81 7.49 10.82
CA THR A 432 -1.88 8.09 12.14
C THR A 432 -1.06 7.39 13.21
N GLY A 433 -0.56 6.19 12.96
CA GLY A 433 0.14 5.44 14.00
C GLY A 433 -0.74 5.03 15.17
N GLU A 434 -1.99 4.68 14.89
CA GLU A 434 -2.99 4.37 15.91
C GLU A 434 -3.37 2.89 15.90
N MET A 435 -3.61 2.35 17.09
CA MET A 435 -4.39 1.13 17.22
C MET A 435 -5.90 1.41 17.19
N LYS A 436 -6.30 2.62 17.57
CA LYS A 436 -7.72 2.96 17.70
C LYS A 436 -8.46 2.89 16.37
N LYS A 437 -7.78 3.16 15.27
CA LYS A 437 -8.40 3.14 13.94
C LYS A 437 -8.36 1.69 13.46
N ARG A 438 -9.38 0.93 13.81
CA ARG A 438 -9.35 -0.52 13.62
C ARG A 438 -9.92 -0.91 12.28
N TYR A 439 -9.25 -1.86 11.61
CA TYR A 439 -9.67 -2.41 10.33
C TYR A 439 -10.09 -3.86 10.38
N GLY A 440 -9.80 -4.58 11.49
CA GLY A 440 -9.70 -6.02 11.45
C GLY A 440 -11.04 -6.74 11.51
N PHE A 441 -11.00 -8.00 11.03
CA PHE A 441 -11.92 -9.04 11.45
C PHE A 441 -11.51 -9.65 12.78
N ILE A 442 -10.24 -9.52 13.15
CA ILE A 442 -9.69 -10.04 14.39
C ILE A 442 -9.33 -8.86 15.27
N TYR A 443 -9.96 -8.77 16.43
CA TYR A 443 -9.63 -7.74 17.41
C TYR A 443 -8.34 -8.08 18.13
N VAL A 444 -7.48 -7.07 18.33
CA VAL A 444 -6.28 -7.21 19.15
C VAL A 444 -6.37 -6.21 20.30
N ASP A 445 -6.18 -6.69 21.52
CA ASP A 445 -6.36 -5.85 22.70
C ASP A 445 -5.09 -5.04 22.93
N LYS A 446 -5.03 -3.87 22.30
CA LYS A 446 -3.97 -2.88 22.48
C LYS A 446 -4.52 -1.53 22.03
N ASP A 447 -4.25 -0.49 22.82
CA ASP A 447 -4.82 0.81 22.53
C ASP A 447 -3.75 1.77 22.01
N ASN A 448 -4.15 3.03 21.82
CA ASN A 448 -3.25 4.04 21.26
C ASN A 448 -2.05 4.30 22.15
N ASP A 449 -2.21 4.15 23.45
CA ASP A 449 -1.14 4.43 24.39
C ASP A 449 -0.20 3.24 24.60
N GLY A 450 -0.51 2.08 24.04
CA GLY A 450 0.32 0.91 24.19
C GLY A 450 -0.12 -0.09 25.25
N HIS A 451 -1.23 0.17 25.93
CA HIS A 451 -1.72 -0.71 26.98
C HIS A 451 -2.55 -1.84 26.39
N GLY A 452 -2.49 -3.01 27.01
CA GLY A 452 -3.34 -4.13 26.66
C GLY A 452 -2.62 -5.47 26.67
N THR A 453 -3.41 -6.54 26.67
CA THR A 453 -2.91 -7.91 26.73
C THR A 453 -2.41 -8.44 25.39
N LEU A 454 -2.74 -7.77 24.28
CA LEU A 454 -2.47 -8.22 22.92
C LEU A 454 -3.21 -9.50 22.55
N GLU A 455 -4.20 -9.92 23.36
CA GLU A 455 -5.02 -11.07 23.01
C GLU A 455 -5.80 -10.80 21.72
N ARG A 456 -5.99 -11.85 20.94
CA ARG A 456 -6.78 -11.83 19.71
C ARG A 456 -8.18 -12.37 19.99
N ARG A 457 -9.21 -11.68 19.48
CA ARG A 457 -10.58 -12.18 19.52
C ARG A 457 -11.29 -11.94 18.19
N LYS A 458 -12.24 -12.81 17.88
CA LYS A 458 -13.01 -12.69 16.63
C LYS A 458 -14.10 -11.65 16.79
N LYS A 459 -14.16 -10.71 15.85
CA LYS A 459 -15.30 -9.81 15.75
C LYS A 459 -16.44 -10.49 14.97
N LYS A 460 -17.60 -9.83 14.95
CA LYS A 460 -18.73 -10.35 14.19
C LYS A 460 -18.43 -10.41 12.69
N SER A 461 -17.61 -9.49 12.18
CA SER A 461 -17.29 -9.51 10.75
C SER A 461 -16.47 -10.74 10.38
N PHE A 462 -15.84 -11.40 11.36
CA PHE A 462 -15.07 -12.60 11.09
C PHE A 462 -15.93 -13.69 10.47
N ALA A 463 -17.05 -14.03 11.11
CA ALA A 463 -17.95 -15.03 10.54
C ALA A 463 -18.54 -14.55 9.22
N TRP A 464 -18.75 -13.24 9.07
CA TRP A 464 -19.28 -12.74 7.80
C TRP A 464 -18.33 -13.01 6.65
N TYR A 465 -17.03 -12.72 6.84
CA TYR A 465 -16.07 -12.88 5.76
C TYR A 465 -15.77 -14.35 5.49
N GLN A 466 -15.71 -15.16 6.54
CA GLN A 466 -15.64 -16.61 6.41
C GLN A 466 -16.65 -17.14 5.39
N GLN A 467 -17.87 -16.65 5.48
CA GLN A 467 -18.91 -17.11 4.56
C GLN A 467 -18.82 -16.42 3.20
N VAL A 468 -18.27 -15.21 3.14
CA VAL A 468 -17.95 -14.62 1.85
C VAL A 468 -17.01 -15.54 1.08
N ILE A 469 -15.90 -15.94 1.72
CA ILE A 469 -14.93 -16.81 1.07
C ILE A 469 -15.54 -18.15 0.75
N ALA A 470 -16.33 -18.70 1.69
CA ALA A 470 -16.91 -20.03 1.50
C ALA A 470 -17.71 -20.11 0.21
N THR A 471 -18.45 -19.06 -0.11
CA THR A 471 -19.34 -19.03 -1.26
C THR A 471 -18.74 -18.26 -2.44
N ASN A 472 -17.40 -18.12 -2.47
CA ASN A 472 -16.70 -17.31 -3.49
C ASN A 472 -17.39 -15.99 -3.79
N GLY A 473 -17.88 -15.33 -2.75
CA GLY A 473 -18.44 -14.02 -2.91
C GLY A 473 -19.91 -13.98 -3.25
N GLU A 474 -20.58 -15.13 -3.29
CA GLU A 474 -22.00 -15.12 -3.63
C GLU A 474 -22.87 -14.72 -2.45
N GLU A 475 -22.50 -15.09 -1.23
CA GLU A 475 -23.29 -14.74 -0.05
C GLU A 475 -22.60 -13.58 0.68
N LEU A 476 -23.12 -12.38 0.48
CA LEU A 476 -22.61 -11.15 1.08
C LEU A 476 -23.52 -10.68 2.21
C1 EDO B . 6.93 22.71 -3.38
O1 EDO B . 7.80 22.63 -4.49
C2 EDO B . 7.42 23.77 -2.41
O2 EDO B . 8.78 23.49 -2.05
C1 EOH C . -9.69 2.27 21.63
C2 EOH C . -8.74 1.26 21.00
O EOH C . -10.95 2.31 20.96
S SO4 D . -4.32 3.81 7.46
O1 SO4 D . -3.45 4.83 6.91
O2 SO4 D . -5.20 3.27 6.42
O3 SO4 D . -5.16 4.41 8.50
O4 SO4 D . -3.56 2.71 8.05
S SO4 E . 22.94 3.21 -11.89
O1 SO4 E . 23.77 3.67 -10.78
O2 SO4 E . 22.57 1.81 -11.66
O3 SO4 E . 21.73 4.04 -11.98
O4 SO4 E . 23.68 3.33 -13.15
NI NI F . 11.96 -13.52 20.79
NA NA G . -10.39 15.51 9.56
NA NA H . -24.64 19.20 -6.42
#